data_7OSC
#
_entry.id   7OSC
#
_cell.length_a   1.000
_cell.length_b   1.000
_cell.length_c   1.000
_cell.angle_alpha   90.00
_cell.angle_beta   90.00
_cell.angle_gamma   90.00
#
_symmetry.space_group_name_H-M   'P 1'
#
_entity_poly.entity_id   1
_entity_poly.type   'polypeptide(L)'
_entity_poly.pdbx_seq_one_letter_code
;(PCA)ICRIIVVRVCRPICRITVIRVCS
;
_entity_poly.pdbx_strand_id   A
#
# COMPACT_ATOMS: atom_id res chain seq x y z
N ILE A 2 12.29 0.17 14.16
CA ILE A 2 10.88 0.54 14.13
C ILE A 2 10.29 0.35 12.74
N CYS A 3 9.05 -0.12 12.68
CA CYS A 3 8.37 -0.35 11.42
C CYS A 3 7.06 0.44 11.35
N ARG A 4 6.59 0.69 10.13
CA ARG A 4 5.35 1.43 9.94
C ARG A 4 4.56 0.86 8.77
N ILE A 5 3.33 1.36 8.58
CA ILE A 5 2.48 0.90 7.51
C ILE A 5 2.02 2.07 6.63
N ILE A 6 1.81 1.79 5.34
CA ILE A 6 1.37 2.82 4.41
C ILE A 6 0.27 2.29 3.49
N VAL A 7 -0.17 3.13 2.55
CA VAL A 7 -1.21 2.75 1.62
C VAL A 7 -0.92 3.30 0.22
N VAL A 8 -1.48 2.65 -0.79
CA VAL A 8 -1.29 3.07 -2.18
C VAL A 8 -2.50 2.71 -3.04
N ARG A 9 -2.39 2.98 -4.33
CA ARG A 9 -3.48 2.68 -5.27
C ARG A 9 -2.95 1.98 -6.51
N VAL A 10 -3.51 0.82 -6.82
CA VAL A 10 -3.09 0.05 -7.99
C VAL A 10 -4.26 -0.16 -8.95
N CYS A 11 -4.07 0.23 -10.20
CA CYS A 11 -5.09 0.08 -11.22
C CYS A 11 -4.99 -1.28 -11.91
N ARG A 12 -5.60 -2.29 -11.31
CA ARG A 12 -5.58 -3.64 -11.86
C ARG A 12 -6.82 -4.42 -11.45
N PRO A 13 -7.92 -4.21 -12.19
CA PRO A 13 -7.95 -3.30 -13.34
C PRO A 13 -8.13 -1.85 -12.92
N ILE A 14 -9.08 -1.62 -12.02
CA ILE A 14 -9.36 -0.26 -11.52
C ILE A 14 -8.47 0.08 -10.34
N CYS A 15 -8.11 1.34 -10.22
CA CYS A 15 -7.26 1.81 -9.13
C CYS A 15 -7.94 1.57 -7.78
N ARG A 16 -7.62 0.44 -7.16
CA ARG A 16 -8.20 0.09 -5.87
C ARG A 16 -7.27 0.50 -4.73
N ILE A 17 -7.72 0.29 -3.50
CA ILE A 17 -6.93 0.63 -2.32
C ILE A 17 -6.21 -0.59 -1.76
N THR A 18 -4.97 -0.40 -1.33
CA THR A 18 -4.17 -1.48 -0.78
C THR A 18 -3.17 -0.96 0.24
N VAL A 19 -2.94 -1.74 1.29
CA VAL A 19 -2.00 -1.36 2.34
C VAL A 19 -0.65 -2.01 2.12
N ILE A 20 0.42 -1.28 2.44
CA ILE A 20 1.78 -1.79 2.28
C ILE A 20 2.60 -1.55 3.54
N ARG A 21 3.16 -2.62 4.08
CA ARG A 21 3.98 -2.52 5.30
C ARG A 21 5.44 -2.29 4.94
N VAL A 22 6.19 -1.72 5.89
CA VAL A 22 7.61 -1.44 5.68
C VAL A 22 8.38 -1.50 6.98
N CYS A 23 9.70 -1.62 6.88
CA CYS A 23 10.55 -1.68 8.06
C CYS A 23 11.84 -0.89 7.84
N SER A 24 12.23 -0.12 8.86
CA SER A 24 13.45 0.69 8.77
C SER A 24 14.08 0.86 10.14
N ILE A 2 12.32 -0.05 14.03
CA ILE A 2 10.93 0.38 14.00
C ILE A 2 10.31 0.21 12.62
N CYS A 3 9.06 -0.21 12.59
CA CYS A 3 8.35 -0.41 11.32
C CYS A 3 7.03 0.35 11.31
N ARG A 4 6.51 0.61 10.11
CA ARG A 4 5.25 1.32 9.96
C ARG A 4 4.46 0.77 8.77
N ILE A 5 3.23 1.27 8.61
CA ILE A 5 2.38 0.84 7.51
C ILE A 5 1.86 2.03 6.71
N ILE A 6 1.63 1.82 5.42
CA ILE A 6 1.14 2.87 4.55
C ILE A 6 0.08 2.34 3.59
N VAL A 7 -0.39 3.20 2.70
CA VAL A 7 -1.40 2.82 1.71
C VAL A 7 -1.12 3.46 0.36
N VAL A 8 -1.63 2.84 -0.71
CA VAL A 8 -1.44 3.35 -2.05
C VAL A 8 -2.61 2.95 -2.95
N ARG A 9 -2.50 3.29 -4.24
CA ARG A 9 -3.54 2.98 -5.20
C ARG A 9 -2.94 2.36 -6.46
N VAL A 10 -3.45 1.19 -6.83
CA VAL A 10 -2.97 0.48 -8.01
C VAL A 10 -4.13 0.06 -8.91
N CYS A 11 -4.00 0.31 -10.21
CA CYS A 11 -5.03 -0.04 -11.17
C CYS A 11 -4.81 -1.46 -11.71
N ARG A 12 -5.38 -2.44 -11.01
CA ARG A 12 -5.26 -3.83 -11.42
C ARG A 12 -6.47 -4.65 -10.96
N PRO A 13 -7.55 -4.58 -11.75
CA PRO A 13 -7.59 -3.79 -12.99
C PRO A 13 -7.87 -2.31 -12.71
N ILE A 14 -8.85 -2.05 -11.87
CA ILE A 14 -9.22 -0.68 -11.53
C ILE A 14 -8.40 -0.17 -10.35
N CYS A 15 -8.11 1.13 -10.36
CA CYS A 15 -7.33 1.74 -9.29
C CYS A 15 -8.04 1.59 -7.95
N ARG A 16 -7.65 0.56 -7.20
CA ARG A 16 -8.25 0.30 -5.89
C ARG A 16 -7.29 0.68 -4.76
N ILE A 17 -7.73 0.50 -3.53
CA ILE A 17 -6.91 0.83 -2.37
C ILE A 17 -6.22 -0.41 -1.83
N THR A 18 -4.96 -0.24 -1.39
CA THR A 18 -4.18 -1.35 -0.85
C THR A 18 -3.18 -0.86 0.18
N VAL A 19 -2.99 -1.65 1.23
CA VAL A 19 -2.04 -1.30 2.29
C VAL A 19 -0.68 -1.91 2.04
N ILE A 20 0.38 -1.17 2.38
CA ILE A 20 1.74 -1.65 2.19
C ILE A 20 2.57 -1.44 3.46
N ARG A 21 3.16 -2.52 3.95
CA ARG A 21 3.98 -2.46 5.16
C ARG A 21 5.44 -2.17 4.81
N VAL A 22 6.18 -1.64 5.77
CA VAL A 22 7.58 -1.31 5.57
C VAL A 22 8.37 -1.43 6.87
N CYS A 23 9.68 -1.55 6.76
CA CYS A 23 10.56 -1.67 7.92
C CYS A 23 11.85 -0.90 7.71
N SER A 24 12.28 -0.16 8.73
CA SER A 24 13.50 0.61 8.66
C SER A 24 14.12 0.81 10.04
N ILE A 2 12.41 0.06 13.92
CA ILE A 2 11.03 0.51 13.89
C ILE A 2 10.41 0.28 12.52
N CYS A 3 9.13 -0.07 12.49
CA CYS A 3 8.42 -0.31 11.25
C CYS A 3 7.09 0.45 11.22
N ARG A 4 6.63 0.79 10.02
CA ARG A 4 5.39 1.52 9.86
C ARG A 4 4.58 0.95 8.69
N ILE A 5 3.34 1.41 8.55
CA ILE A 5 2.47 0.95 7.48
C ILE A 5 1.90 2.13 6.69
N ILE A 6 1.64 1.92 5.42
CA ILE A 6 1.09 2.95 4.55
C ILE A 6 0.05 2.38 3.60
N VAL A 7 -0.46 3.23 2.71
CA VAL A 7 -1.47 2.82 1.74
C VAL A 7 -1.22 3.46 0.38
N VAL A 8 -1.72 2.83 -0.67
CA VAL A 8 -1.55 3.34 -2.02
C VAL A 8 -2.71 2.93 -2.91
N ARG A 9 -2.62 3.25 -4.20
CA ARG A 9 -3.66 2.92 -5.16
C ARG A 9 -3.06 2.32 -6.43
N VAL A 10 -3.51 1.13 -6.80
CA VAL A 10 -3.02 0.46 -8.00
C VAL A 10 -4.17 0.07 -8.92
N CYS A 11 -4.03 0.38 -10.20
CA CYS A 11 -5.05 0.06 -11.19
C CYS A 11 -4.82 -1.34 -11.78
N ARG A 12 -5.37 -2.34 -11.14
CA ARG A 12 -5.22 -3.72 -11.60
C ARG A 12 -6.42 -4.57 -11.18
N PRO A 13 -7.50 -4.49 -11.97
CA PRO A 13 -7.55 -3.65 -13.17
C PRO A 13 -7.86 -2.20 -12.83
N ILE A 14 -8.86 -1.98 -11.98
CA ILE A 14 -9.25 -0.64 -11.58
C ILE A 14 -8.44 -0.16 -10.38
N CYS A 15 -8.16 1.14 -10.33
CA CYS A 15 -7.39 1.72 -9.24
C CYS A 15 -8.09 1.48 -7.90
N ARG A 16 -7.67 0.43 -7.19
CA ARG A 16 -8.26 0.10 -5.91
C ARG A 16 -7.33 0.50 -4.77
N ILE A 17 -7.79 0.31 -3.54
CA ILE A 17 -7.00 0.65 -2.37
C ILE A 17 -6.27 -0.57 -1.81
N THR A 18 -5.02 -0.37 -1.38
CA THR A 18 -4.22 -1.45 -0.83
C THR A 18 -3.22 -0.93 0.19
N VAL A 19 -3.01 -1.70 1.25
CA VAL A 19 -2.08 -1.33 2.31
C VAL A 19 -0.70 -1.92 2.06
N ILE A 20 0.34 -1.16 2.37
CA ILE A 20 1.71 -1.62 2.19
C ILE A 20 2.55 -1.35 3.45
N ARG A 21 3.10 -2.42 4.01
CA ARG A 21 3.94 -2.30 5.21
C ARG A 21 5.40 -2.09 4.83
N VAL A 22 6.17 -1.58 5.79
CA VAL A 22 7.59 -1.33 5.56
C VAL A 22 8.39 -1.43 6.86
N CYS A 23 9.68 -1.70 6.74
CA CYS A 23 10.55 -1.83 7.90
C CYS A 23 11.90 -1.16 7.65
N SER A 24 12.38 -0.42 8.64
CA SER A 24 13.66 0.27 8.53
C SER A 24 14.23 0.59 9.91
N ILE A 2 12.53 0.12 13.87
CA ILE A 2 11.16 0.57 13.86
C ILE A 2 10.52 0.34 12.49
N CYS A 3 9.23 0.01 12.50
CA CYS A 3 8.49 -0.24 11.26
C CYS A 3 7.18 0.53 11.25
N ARG A 4 6.64 0.76 10.06
CA ARG A 4 5.39 1.48 9.90
C ARG A 4 4.57 0.92 8.75
N ILE A 5 3.34 1.41 8.60
CA ILE A 5 2.46 0.96 7.53
C ILE A 5 1.88 2.13 6.75
N ILE A 6 1.63 1.92 5.47
CA ILE A 6 1.07 2.97 4.62
C ILE A 6 0.01 2.40 3.68
N VAL A 7 -0.53 3.26 2.82
CA VAL A 7 -1.55 2.85 1.86
C VAL A 7 -1.32 3.51 0.50
N VAL A 8 -1.79 2.84 -0.55
CA VAL A 8 -1.64 3.36 -1.91
C VAL A 8 -2.76 2.87 -2.82
N ARG A 9 -2.68 3.23 -4.09
CA ARG A 9 -3.69 2.82 -5.06
C ARG A 9 -3.05 2.28 -6.33
N VAL A 10 -3.57 1.16 -6.83
CA VAL A 10 -3.04 0.55 -8.04
C VAL A 10 -4.16 0.12 -8.98
N CYS A 11 -4.00 0.41 -10.26
CA CYS A 11 -5.00 0.07 -11.26
C CYS A 11 -4.74 -1.33 -11.83
N ARG A 12 -5.27 -2.35 -11.15
CA ARG A 12 -5.09 -3.72 -11.59
C ARG A 12 -6.26 -4.59 -11.16
N PRO A 13 -7.35 -4.55 -11.95
CA PRO A 13 -7.41 -3.74 -13.17
C PRO A 13 -7.76 -2.29 -12.87
N ILE A 14 -8.76 -2.07 -12.02
CA ILE A 14 -9.18 -0.73 -11.65
C ILE A 14 -8.39 -0.22 -10.46
N CYS A 15 -8.15 1.10 -10.44
CA CYS A 15 -7.41 1.71 -9.35
C CYS A 15 -8.11 1.51 -8.02
N ARG A 16 -7.70 0.49 -7.27
CA ARG A 16 -8.30 0.19 -5.98
C ARG A 16 -7.37 0.60 -4.84
N ILE A 17 -7.81 0.39 -3.61
CA ILE A 17 -7.02 0.73 -2.44
C ILE A 17 -6.34 -0.50 -1.85
N THR A 18 -5.11 -0.32 -1.38
CA THR A 18 -4.35 -1.41 -0.81
C THR A 18 -3.37 -0.90 0.25
N VAL A 19 -3.13 -1.71 1.27
CA VAL A 19 -2.21 -1.35 2.34
C VAL A 19 -0.83 -1.95 2.11
N ILE A 20 0.21 -1.19 2.44
CA ILE A 20 1.58 -1.65 2.27
C ILE A 20 2.42 -1.36 3.51
N ARG A 21 3.06 -2.40 4.04
CA ARG A 21 3.89 -2.25 5.24
C ARG A 21 5.36 -2.10 4.85
N VAL A 22 6.16 -1.59 5.79
CA VAL A 22 7.58 -1.39 5.55
C VAL A 22 8.38 -1.50 6.85
N CYS A 23 9.67 -1.71 6.73
CA CYS A 23 10.55 -1.82 7.88
C CYS A 23 11.91 -1.19 7.62
N SER A 24 12.41 -0.44 8.60
CA SER A 24 13.69 0.23 8.46
C SER A 24 14.32 0.48 9.84
N ILE A 2 12.45 0.14 13.69
CA ILE A 2 11.03 0.45 13.75
C ILE A 2 10.37 0.28 12.39
N CYS A 3 9.14 -0.22 12.39
CA CYS A 3 8.39 -0.42 11.15
C CYS A 3 7.05 0.30 11.20
N ARG A 4 6.45 0.49 10.03
CA ARG A 4 5.16 1.17 9.94
C ARG A 4 4.35 0.64 8.75
N ILE A 5 3.12 1.12 8.64
CA ILE A 5 2.24 0.69 7.55
C ILE A 5 1.67 1.90 6.81
N ILE A 6 1.52 1.77 5.50
CA ILE A 6 0.97 2.84 4.68
C ILE A 6 -0.03 2.30 3.66
N VAL A 7 -0.54 3.19 2.82
CA VAL A 7 -1.51 2.80 1.79
C VAL A 7 -1.21 3.50 0.47
N VAL A 8 -1.66 2.89 -0.63
CA VAL A 8 -1.45 3.46 -1.95
C VAL A 8 -2.58 3.05 -2.91
N ARG A 9 -2.45 3.45 -4.17
CA ARG A 9 -3.45 3.13 -5.18
C ARG A 9 -2.81 2.46 -6.38
N VAL A 10 -3.36 1.31 -6.76
CA VAL A 10 -2.85 0.56 -7.90
C VAL A 10 -3.98 0.09 -8.81
N CYS A 11 -3.81 0.29 -10.11
CA CYS A 11 -4.81 -0.10 -11.09
C CYS A 11 -4.58 -1.54 -11.55
N ARG A 12 -5.18 -2.48 -10.84
CA ARG A 12 -5.04 -3.90 -11.17
C ARG A 12 -6.27 -4.68 -10.72
N PRO A 13 -7.33 -4.66 -11.54
CA PRO A 13 -7.32 -3.92 -12.80
C PRO A 13 -7.61 -2.44 -12.61
N ILE A 14 -8.63 -2.14 -11.81
CA ILE A 14 -9.00 -0.75 -11.54
C ILE A 14 -8.22 -0.19 -10.36
N CYS A 15 -7.91 1.10 -10.42
CA CYS A 15 -7.17 1.76 -9.35
C CYS A 15 -7.92 1.67 -8.02
N ARG A 16 -7.57 0.67 -7.22
CA ARG A 16 -8.21 0.47 -5.92
C ARG A 16 -7.26 0.81 -4.78
N ILE A 17 -7.75 0.74 -3.55
CA ILE A 17 -6.94 1.04 -2.38
C ILE A 17 -6.35 -0.24 -1.78
N THR A 18 -5.09 -0.16 -1.35
CA THR A 18 -4.41 -1.30 -0.77
C THR A 18 -3.36 -0.85 0.24
N VAL A 19 -3.24 -1.59 1.34
CA VAL A 19 -2.27 -1.26 2.38
C VAL A 19 -0.95 -1.98 2.14
N ILE A 20 0.15 -1.30 2.43
CA ILE A 20 1.47 -1.88 2.25
C ILE A 20 2.35 -1.66 3.48
N ARG A 21 2.98 -2.73 3.95
CA ARG A 21 3.85 -2.64 5.13
C ARG A 21 5.28 -2.32 4.73
N VAL A 22 6.04 -1.75 5.66
CA VAL A 22 7.43 -1.40 5.40
C VAL A 22 8.26 -1.47 6.68
N CYS A 23 9.57 -1.53 6.51
CA CYS A 23 10.48 -1.59 7.65
C CYS A 23 11.74 -0.76 7.41
N SER A 24 12.15 0.00 8.42
CA SER A 24 13.33 0.84 8.31
C SER A 24 14.06 0.95 9.65
N ILE A 2 12.41 0.17 13.60
CA ILE A 2 11.14 0.89 13.56
C ILE A 2 10.39 0.63 12.25
N CYS A 3 9.29 -0.10 12.34
CA CYS A 3 8.49 -0.43 11.17
C CYS A 3 7.15 0.32 11.20
N ARG A 4 6.54 0.48 10.03
CA ARG A 4 5.27 1.18 9.92
C ARG A 4 4.45 0.64 8.75
N ILE A 5 3.26 1.18 8.57
CA ILE A 5 2.38 0.76 7.48
C ILE A 5 1.88 1.95 6.67
N ILE A 6 1.69 1.74 5.38
CA ILE A 6 1.22 2.80 4.49
C ILE A 6 0.15 2.28 3.53
N VAL A 7 -0.33 3.15 2.66
CA VAL A 7 -1.35 2.78 1.68
C VAL A 7 -1.08 3.43 0.33
N VAL A 8 -1.59 2.81 -0.73
CA VAL A 8 -1.41 3.34 -2.08
C VAL A 8 -2.59 2.95 -2.98
N ARG A 9 -2.48 3.31 -4.25
CA ARG A 9 -3.54 3.01 -5.21
C ARG A 9 -2.95 2.37 -6.48
N VAL A 10 -3.43 1.18 -6.81
CA VAL A 10 -2.96 0.48 -8.00
C VAL A 10 -4.12 0.07 -8.90
N CYS A 11 -3.98 0.34 -10.19
CA CYS A 11 -5.02 0.00 -11.16
C CYS A 11 -4.81 -1.41 -11.71
N ARG A 12 -5.39 -2.39 -11.03
CA ARG A 12 -5.28 -3.78 -11.44
C ARG A 12 -6.49 -4.59 -10.99
N PRO A 13 -7.57 -4.52 -11.77
CA PRO A 13 -7.61 -3.71 -13.00
C PRO A 13 -7.88 -2.23 -12.71
N ILE A 14 -8.87 -1.97 -11.87
CA ILE A 14 -9.22 -0.60 -11.52
C ILE A 14 -8.39 -0.11 -10.33
N CYS A 15 -8.09 1.19 -10.33
CA CYS A 15 -7.31 1.79 -9.26
C CYS A 15 -8.01 1.62 -7.91
N ARG A 16 -7.63 0.59 -7.18
CA ARG A 16 -8.23 0.31 -5.88
C ARG A 16 -7.25 0.68 -4.75
N ILE A 17 -7.72 0.53 -3.51
CA ILE A 17 -6.89 0.85 -2.35
C ILE A 17 -6.23 -0.40 -1.79
N THR A 18 -4.97 -0.25 -1.37
CA THR A 18 -4.22 -1.37 -0.81
C THR A 18 -3.19 -0.89 0.21
N VAL A 19 -3.02 -1.65 1.27
CA VAL A 19 -2.07 -1.31 2.32
C VAL A 19 -0.73 -2.02 2.11
N ILE A 20 0.35 -1.34 2.44
CA ILE A 20 1.69 -1.89 2.28
C ILE A 20 2.52 -1.69 3.55
N ARG A 21 3.14 -2.77 4.01
CA ARG A 21 3.97 -2.71 5.22
C ARG A 21 5.41 -2.36 4.87
N VAL A 22 6.14 -1.82 5.83
CA VAL A 22 7.53 -1.45 5.64
C VAL A 22 8.32 -1.51 6.94
N CYS A 23 9.64 -1.47 6.82
CA CYS A 23 10.51 -1.53 8.00
C CYS A 23 11.71 -0.61 7.83
N SER A 24 11.97 0.21 8.84
CA SER A 24 13.10 1.14 8.80
C SER A 24 14.28 0.60 9.60
N ILE A 2 12.44 0.19 13.76
CA ILE A 2 11.00 0.44 13.82
C ILE A 2 10.35 0.28 12.46
N CYS A 3 9.13 -0.24 12.44
CA CYS A 3 8.41 -0.45 11.19
C CYS A 3 7.05 0.25 11.23
N ARG A 4 6.47 0.48 10.06
CA ARG A 4 5.18 1.14 9.96
C ARG A 4 4.39 0.62 8.76
N ILE A 5 3.15 1.07 8.64
CA ILE A 5 2.29 0.65 7.53
C ILE A 5 1.74 1.86 6.78
N ILE A 6 1.59 1.72 5.47
CA ILE A 6 1.06 2.79 4.63
C ILE A 6 0.04 2.27 3.65
N VAL A 7 -0.45 3.16 2.79
CA VAL A 7 -1.45 2.79 1.78
C VAL A 7 -1.15 3.45 0.45
N VAL A 8 -1.63 2.84 -0.63
CA VAL A 8 -1.43 3.38 -1.97
C VAL A 8 -2.55 2.97 -2.91
N ARG A 9 -2.43 3.35 -4.18
CA ARG A 9 -3.45 3.03 -5.18
C ARG A 9 -2.82 2.37 -6.39
N VAL A 10 -3.38 1.23 -6.80
CA VAL A 10 -2.88 0.50 -7.95
C VAL A 10 -4.02 0.05 -8.87
N CYS A 11 -3.84 0.25 -10.17
CA CYS A 11 -4.85 -0.13 -11.14
C CYS A 11 -4.66 -1.57 -11.59
N ARG A 12 -5.30 -2.49 -10.88
CA ARG A 12 -5.20 -3.91 -11.20
C ARG A 12 -6.46 -4.65 -10.78
N PRO A 13 -7.50 -4.57 -11.61
CA PRO A 13 -7.47 -3.83 -12.87
C PRO A 13 -7.70 -2.33 -12.66
N ILE A 14 -8.71 -2.00 -11.88
CA ILE A 14 -9.05 -0.61 -11.60
C ILE A 14 -8.26 -0.09 -10.39
N CYS A 15 -7.89 1.18 -10.43
CA CYS A 15 -7.14 1.79 -9.34
C CYS A 15 -7.90 1.69 -8.03
N ARG A 16 -7.55 0.69 -7.22
CA ARG A 16 -8.21 0.49 -5.94
C ARG A 16 -7.26 0.83 -4.78
N ILE A 17 -7.76 0.71 -3.56
CA ILE A 17 -6.97 1.00 -2.37
C ILE A 17 -6.35 -0.27 -1.80
N THR A 18 -5.09 -0.17 -1.37
CA THR A 18 -4.38 -1.30 -0.80
C THR A 18 -3.35 -0.85 0.22
N VAL A 19 -3.22 -1.61 1.30
CA VAL A 19 -2.27 -1.28 2.36
C VAL A 19 -0.94 -2.02 2.13
N ILE A 20 0.16 -1.34 2.44
CA ILE A 20 1.49 -1.92 2.28
C ILE A 20 2.34 -1.69 3.53
N ARG A 21 3.03 -2.75 3.95
CA ARG A 21 3.89 -2.67 5.14
C ARG A 21 5.33 -2.32 4.74
N VAL A 22 6.07 -1.75 5.68
CA VAL A 22 7.46 -1.38 5.43
C VAL A 22 8.28 -1.45 6.71
N CYS A 23 9.60 -1.50 6.55
CA CYS A 23 10.50 -1.56 7.70
C CYS A 23 11.75 -0.70 7.46
N SER A 24 12.14 0.05 8.48
CA SER A 24 13.30 0.93 8.39
C SER A 24 14.04 1.00 9.72
N ILE A 2 12.47 0.24 13.97
CA ILE A 2 11.04 0.57 13.97
C ILE A 2 10.39 0.22 12.63
N CYS A 3 9.07 0.10 12.64
CA CYS A 3 8.32 -0.22 11.43
C CYS A 3 7.00 0.52 11.40
N ARG A 4 6.46 0.71 10.19
CA ARG A 4 5.19 1.41 10.01
C ARG A 4 4.42 0.85 8.82
N ILE A 5 3.19 1.33 8.64
CA ILE A 5 2.35 0.87 7.55
C ILE A 5 1.91 2.04 6.67
N ILE A 6 1.76 1.77 5.37
CA ILE A 6 1.34 2.80 4.43
C ILE A 6 0.25 2.28 3.50
N VAL A 7 -0.17 3.11 2.56
CA VAL A 7 -1.21 2.73 1.60
C VAL A 7 -0.91 3.28 0.22
N VAL A 8 -1.47 2.64 -0.81
CA VAL A 8 -1.25 3.06 -2.19
C VAL A 8 -2.45 2.72 -3.06
N ARG A 9 -2.34 2.99 -4.35
CA ARG A 9 -3.42 2.72 -5.29
C ARG A 9 -2.88 2.00 -6.53
N VAL A 10 -3.46 0.84 -6.84
CA VAL A 10 -3.05 0.06 -8.00
C VAL A 10 -4.21 -0.16 -8.96
N CYS A 11 -4.01 0.22 -10.21
CA CYS A 11 -5.05 0.07 -11.23
C CYS A 11 -4.94 -1.29 -11.91
N ARG A 12 -5.56 -2.31 -11.29
CA ARG A 12 -5.54 -3.65 -11.85
C ARG A 12 -6.78 -4.43 -11.43
N PRO A 13 -7.87 -4.23 -12.18
CA PRO A 13 -7.89 -3.32 -13.33
C PRO A 13 -8.08 -1.87 -12.91
N ILE A 14 -9.03 -1.63 -12.01
CA ILE A 14 -9.31 -0.28 -11.53
C ILE A 14 -8.41 0.07 -10.34
N CYS A 15 -8.05 1.35 -10.23
CA CYS A 15 -7.20 1.81 -9.15
C CYS A 15 -7.88 1.60 -7.80
N ARG A 16 -7.58 0.47 -7.16
CA ARG A 16 -8.16 0.14 -5.86
C ARG A 16 -7.23 0.54 -4.73
N ILE A 17 -7.68 0.34 -3.51
CA ILE A 17 -6.88 0.68 -2.33
C ILE A 17 -6.18 -0.55 -1.76
N THR A 18 -4.93 -0.36 -1.34
CA THR A 18 -4.15 -1.46 -0.77
C THR A 18 -3.15 -0.95 0.26
N VAL A 19 -2.96 -1.70 1.33
CA VAL A 19 -2.02 -1.32 2.39
C VAL A 19 -0.68 -2.03 2.20
N ILE A 20 0.39 -1.32 2.52
CA ILE A 20 1.74 -1.87 2.39
C ILE A 20 2.56 -1.62 3.66
N ARG A 21 3.10 -2.70 4.22
CA ARG A 21 3.91 -2.59 5.42
C ARG A 21 5.38 -2.37 5.09
N VAL A 22 6.11 -1.79 6.02
CA VAL A 22 7.54 -1.51 5.82
C VAL A 22 8.29 -1.53 7.14
N CYS A 23 9.62 -1.59 7.06
CA CYS A 23 10.45 -1.61 8.25
C CYS A 23 11.72 -0.78 8.04
N SER A 24 12.08 0.01 9.06
CA SER A 24 13.26 0.86 8.98
C SER A 24 14.02 0.86 10.31
N ILE A 2 12.47 0.30 13.84
CA ILE A 2 11.11 0.84 13.78
C ILE A 2 10.43 0.49 12.48
N CYS A 3 9.14 0.18 12.55
CA CYS A 3 8.36 -0.17 11.36
C CYS A 3 7.04 0.59 11.33
N ARG A 4 6.49 0.76 10.13
CA ARG A 4 5.23 1.47 9.97
C ARG A 4 4.42 0.88 8.81
N ILE A 5 3.21 1.39 8.61
CA ILE A 5 2.36 0.92 7.54
C ILE A 5 1.84 2.09 6.70
N ILE A 6 1.69 1.86 5.40
CA ILE A 6 1.21 2.88 4.49
C ILE A 6 0.15 2.33 3.53
N VAL A 7 -0.33 3.17 2.63
CA VAL A 7 -1.34 2.76 1.66
C VAL A 7 -1.06 3.36 0.30
N VAL A 8 -1.58 2.72 -0.74
CA VAL A 8 -1.38 3.19 -2.12
C VAL A 8 -2.57 2.80 -3.00
N ARG A 9 -2.46 3.12 -4.28
CA ARG A 9 -3.52 2.80 -5.24
C ARG A 9 -2.95 2.11 -6.47
N VAL A 10 -3.47 0.93 -6.77
CA VAL A 10 -3.01 0.15 -7.93
C VAL A 10 -4.17 -0.10 -8.90
N CYS A 11 -3.95 0.28 -10.15
CA CYS A 11 -4.97 0.09 -11.19
C CYS A 11 -4.81 -1.27 -11.86
N ARG A 12 -5.41 -2.30 -11.26
CA ARG A 12 -5.34 -3.64 -11.80
C ARG A 12 -6.58 -4.45 -11.39
N PRO A 13 -7.67 -4.29 -12.16
CA PRO A 13 -7.69 -3.38 -13.31
C PRO A 13 -7.92 -1.94 -12.91
N ILE A 14 -8.90 -1.72 -12.02
CA ILE A 14 -9.21 -0.38 -11.56
C ILE A 14 -8.35 0.01 -10.35
N CYS A 15 -8.03 1.29 -10.26
CA CYS A 15 -7.21 1.79 -9.15
C CYS A 15 -7.91 1.56 -7.81
N ARG A 16 -7.58 0.44 -7.17
CA ARG A 16 -8.18 0.10 -5.89
C ARG A 16 -7.26 0.51 -4.74
N ILE A 17 -7.72 0.29 -3.51
CA ILE A 17 -6.94 0.64 -2.33
C ILE A 17 -6.25 -0.58 -1.75
N THR A 18 -5.00 -0.40 -1.32
CA THR A 18 -4.23 -1.48 -0.74
C THR A 18 -3.21 -0.96 0.27
N VAL A 19 -3.05 -1.70 1.37
CA VAL A 19 -2.12 -1.31 2.42
C VAL A 19 -0.78 -2.04 2.26
N ILE A 20 0.30 -1.35 2.57
CA ILE A 20 1.63 -1.93 2.48
C ILE A 20 2.44 -1.67 3.75
N ARG A 21 3.13 -2.70 4.22
CA ARG A 21 3.94 -2.60 5.42
C ARG A 21 5.40 -2.33 5.06
N VAL A 22 6.13 -1.76 6.02
CA VAL A 22 7.54 -1.45 5.81
C VAL A 22 8.32 -1.51 7.13
N CYS A 23 9.65 -1.62 7.02
CA CYS A 23 10.50 -1.68 8.19
C CYS A 23 11.81 -0.94 7.95
N SER A 24 12.25 -0.18 8.94
CA SER A 24 13.50 0.58 8.84
C SER A 24 14.24 0.59 10.16
N ILE A 2 12.50 0.10 13.82
CA ILE A 2 11.12 0.57 13.86
C ILE A 2 10.43 0.38 12.51
N CYS A 3 9.24 -0.22 12.54
CA CYS A 3 8.48 -0.46 11.33
C CYS A 3 7.24 0.43 11.27
N ARG A 4 6.64 0.53 10.09
CA ARG A 4 5.44 1.34 9.90
C ARG A 4 4.56 0.78 8.80
N ILE A 5 3.41 1.40 8.59
CA ILE A 5 2.48 0.96 7.56
C ILE A 5 1.95 2.13 6.75
N ILE A 6 1.70 1.90 5.47
CA ILE A 6 1.18 2.94 4.59
C ILE A 6 0.11 2.39 3.65
N VAL A 7 -0.40 3.25 2.77
CA VAL A 7 -1.42 2.85 1.82
C VAL A 7 -1.19 3.49 0.45
N VAL A 8 -1.66 2.83 -0.59
CA VAL A 8 -1.50 3.33 -1.95
C VAL A 8 -2.65 2.86 -2.85
N ARG A 9 -2.56 3.20 -4.13
CA ARG A 9 -3.58 2.82 -5.10
C ARG A 9 -2.96 2.26 -6.37
N VAL A 10 -3.51 1.15 -6.86
CA VAL A 10 -3.00 0.52 -8.07
C VAL A 10 -4.15 0.11 -8.99
N CYS A 11 -4.00 0.40 -10.28
CA CYS A 11 -5.02 0.05 -11.26
C CYS A 11 -4.78 -1.35 -11.83
N ARG A 12 -5.31 -2.36 -11.14
CA ARG A 12 -5.15 -3.74 -11.57
C ARG A 12 -6.33 -4.59 -11.11
N PRO A 13 -7.43 -4.55 -11.89
CA PRO A 13 -7.50 -3.75 -13.10
C PRO A 13 -7.83 -2.28 -12.81
N ILE A 14 -8.82 -2.06 -11.96
CA ILE A 14 -9.21 -0.70 -11.60
C ILE A 14 -8.40 -0.19 -10.41
N CYS A 15 -8.15 1.11 -10.41
CA CYS A 15 -7.38 1.74 -9.33
C CYS A 15 -8.08 1.56 -8.00
N ARG A 16 -7.67 0.55 -7.25
CA ARG A 16 -8.25 0.26 -5.94
C ARG A 16 -7.29 0.66 -4.82
N ILE A 17 -7.73 0.47 -3.58
CA ILE A 17 -6.92 0.80 -2.42
C ILE A 17 -6.25 -0.44 -1.84
N THR A 18 -5.01 -0.27 -1.38
CA THR A 18 -4.25 -1.38 -0.81
C THR A 18 -3.26 -0.88 0.24
N VAL A 19 -3.02 -1.69 1.26
CA VAL A 19 -2.09 -1.33 2.33
C VAL A 19 -0.71 -1.93 2.07
N ILE A 20 0.32 -1.16 2.43
CA ILE A 20 1.69 -1.62 2.23
C ILE A 20 2.52 -1.42 3.51
N ARG A 21 3.00 -2.51 4.08
CA ARG A 21 3.80 -2.46 5.30
C ARG A 21 5.28 -2.37 4.96
N VAL A 22 6.06 -1.83 5.89
CA VAL A 22 7.50 -1.67 5.70
C VAL A 22 8.24 -1.72 7.03
N CYS A 23 9.57 -1.68 6.96
CA CYS A 23 10.39 -1.71 8.16
C CYS A 23 11.63 -0.83 8.00
N SER A 24 11.92 -0.02 9.01
CA SER A 24 13.07 0.87 8.97
C SER A 24 14.23 0.29 9.77
N ILE A 2 12.37 0.22 14.10
CA ILE A 2 10.96 0.58 14.08
C ILE A 2 10.36 0.40 12.69
N CYS A 3 9.12 -0.08 12.64
CA CYS A 3 8.43 -0.30 11.38
C CYS A 3 7.12 0.47 11.33
N ARG A 4 6.62 0.69 10.12
CA ARG A 4 5.37 1.42 9.94
C ARG A 4 4.57 0.84 8.77
N ILE A 5 3.36 1.37 8.57
CA ILE A 5 2.50 0.91 7.49
C ILE A 5 2.03 2.07 6.62
N ILE A 6 1.81 1.79 5.34
CA ILE A 6 1.35 2.83 4.41
C ILE A 6 0.27 2.29 3.49
N VAL A 7 -0.18 3.12 2.55
CA VAL A 7 -1.22 2.73 1.61
C VAL A 7 -0.93 3.28 0.22
N VAL A 8 -1.50 2.63 -0.80
CA VAL A 8 -1.30 3.05 -2.17
C VAL A 8 -2.50 2.68 -3.04
N ARG A 9 -2.41 2.97 -4.34
CA ARG A 9 -3.48 2.65 -5.27
C ARG A 9 -2.94 1.97 -6.51
N VAL A 10 -3.56 0.85 -6.88
CA VAL A 10 -3.14 0.09 -8.05
C VAL A 10 -4.31 -0.13 -9.01
N CYS A 11 -4.13 0.26 -10.26
CA CYS A 11 -5.17 0.11 -11.28
C CYS A 11 -5.05 -1.25 -11.97
N ARG A 12 -5.64 -2.27 -11.35
CA ARG A 12 -5.60 -3.62 -11.91
C ARG A 12 -6.84 -4.41 -11.49
N PRO A 13 -7.95 -4.22 -12.22
CA PRO A 13 -7.98 -3.31 -13.37
C PRO A 13 -8.19 -1.86 -12.94
N ILE A 14 -9.13 -1.64 -12.03
CA ILE A 14 -9.43 -0.30 -11.54
C ILE A 14 -8.53 0.05 -10.35
N CYS A 15 -8.18 1.33 -10.24
CA CYS A 15 -7.34 1.80 -9.16
C CYS A 15 -8.00 1.56 -7.81
N ARG A 16 -7.67 0.44 -7.18
CA ARG A 16 -8.23 0.09 -5.88
C ARG A 16 -7.30 0.50 -4.75
N ILE A 17 -7.72 0.27 -3.51
CA ILE A 17 -6.93 0.61 -2.35
C ILE A 17 -6.21 -0.61 -1.79
N THR A 18 -4.96 -0.41 -1.36
CA THR A 18 -4.17 -1.50 -0.80
C THR A 18 -3.17 -0.98 0.21
N VAL A 19 -2.95 -1.75 1.28
CA VAL A 19 -2.00 -1.37 2.32
C VAL A 19 -0.64 -2.01 2.10
N ILE A 20 0.42 -1.27 2.42
CA ILE A 20 1.78 -1.76 2.25
C ILE A 20 2.60 -1.52 3.51
N ARG A 21 3.18 -2.60 4.06
CA ARG A 21 3.99 -2.50 5.26
C ARG A 21 5.46 -2.24 4.90
N VAL A 22 6.20 -1.68 5.85
CA VAL A 22 7.61 -1.39 5.63
C VAL A 22 8.39 -1.45 6.94
N CYS A 23 9.72 -1.55 6.83
CA CYS A 23 10.58 -1.63 8.01
C CYS A 23 11.86 -0.83 7.79
N SER A 24 12.26 -0.07 8.80
CA SER A 24 13.47 0.74 8.72
C SER A 24 14.17 0.81 10.07
N ILE A 2 12.51 0.11 13.97
CA ILE A 2 11.06 0.10 14.05
C ILE A 2 10.43 -0.12 12.68
N CYS A 3 9.11 -0.28 12.65
CA CYS A 3 8.39 -0.50 11.40
C CYS A 3 7.12 0.34 11.37
N ARG A 4 6.61 0.58 10.16
CA ARG A 4 5.39 1.36 9.99
C ARG A 4 4.54 0.79 8.86
N ILE A 5 3.38 1.39 8.64
CA ILE A 5 2.47 0.94 7.59
C ILE A 5 2.05 2.11 6.69
N ILE A 6 1.78 1.80 5.42
CA ILE A 6 1.37 2.82 4.47
C ILE A 6 0.27 2.29 3.54
N VAL A 7 -0.13 3.13 2.59
CA VAL A 7 -1.17 2.75 1.64
C VAL A 7 -0.86 3.27 0.24
N VAL A 8 -1.42 2.61 -0.77
CA VAL A 8 -1.20 3.02 -2.16
C VAL A 8 -2.41 2.67 -3.03
N ARG A 9 -2.28 2.92 -4.33
CA ARG A 9 -3.36 2.62 -5.27
C ARG A 9 -2.81 1.90 -6.49
N VAL A 10 -3.46 0.79 -6.86
CA VAL A 10 -3.04 0.02 -8.01
C VAL A 10 -4.20 -0.19 -8.99
N CYS A 11 -4.00 0.19 -10.24
CA CYS A 11 -5.02 0.04 -11.26
C CYS A 11 -4.93 -1.33 -11.94
N ARG A 12 -5.57 -2.33 -11.32
CA ARG A 12 -5.56 -3.68 -11.86
C ARG A 12 -6.82 -4.43 -11.46
N PRO A 13 -7.92 -4.22 -12.20
CA PRO A 13 -7.91 -3.31 -13.36
C PRO A 13 -8.09 -1.85 -12.95
N ILE A 14 -9.03 -1.60 -12.05
CA ILE A 14 -9.30 -0.25 -11.58
C ILE A 14 -8.40 0.10 -10.38
N CYS A 15 -8.01 1.37 -10.28
CA CYS A 15 -7.17 1.82 -9.20
C CYS A 15 -7.86 1.62 -7.85
N ARG A 16 -7.57 0.49 -7.21
CA ARG A 16 -8.16 0.18 -5.91
C ARG A 16 -7.23 0.58 -4.77
N ILE A 17 -7.69 0.38 -3.54
CA ILE A 17 -6.90 0.73 -2.37
C ILE A 17 -6.23 -0.51 -1.78
N THR A 18 -4.98 -0.34 -1.34
CA THR A 18 -4.23 -1.45 -0.75
C THR A 18 -3.22 -0.93 0.28
N VAL A 19 -3.05 -1.69 1.36
CA VAL A 19 -2.11 -1.31 2.41
C VAL A 19 -0.76 -2.01 2.22
N ILE A 20 0.32 -1.30 2.54
CA ILE A 20 1.66 -1.86 2.41
C ILE A 20 2.47 -1.61 3.67
N ARG A 21 3.03 -2.68 4.23
CA ARG A 21 3.83 -2.59 5.44
C ARG A 21 5.31 -2.35 5.09
N VAL A 22 6.04 -1.74 6.02
CA VAL A 22 7.45 -1.46 5.82
C VAL A 22 8.20 -1.43 7.14
N CYS A 23 9.52 -1.64 7.08
CA CYS A 23 10.35 -1.64 8.28
C CYS A 23 11.55 -0.72 8.10
N SER A 24 11.67 0.27 8.99
CA SER A 24 12.77 1.22 8.93
C SER A 24 13.86 0.86 9.95
N ILE A 2 12.56 0.05 13.77
CA ILE A 2 11.13 0.35 13.83
C ILE A 2 10.45 0.04 12.50
N CYS A 3 9.12 -0.08 12.54
CA CYS A 3 8.35 -0.37 11.33
C CYS A 3 7.03 0.38 11.35
N ARG A 4 6.43 0.55 10.17
CA ARG A 4 5.16 1.24 10.04
C ARG A 4 4.35 0.70 8.88
N ILE A 5 3.16 1.26 8.66
CA ILE A 5 2.29 0.83 7.58
C ILE A 5 1.78 2.01 6.77
N ILE A 6 1.61 1.80 5.48
CA ILE A 6 1.13 2.85 4.59
C ILE A 6 0.09 2.31 3.60
N VAL A 7 -0.38 3.19 2.71
CA VAL A 7 -1.37 2.80 1.73
C VAL A 7 -1.09 3.44 0.38
N VAL A 8 -1.57 2.82 -0.68
CA VAL A 8 -1.37 3.34 -2.04
C VAL A 8 -2.52 2.94 -2.96
N ARG A 9 -2.38 3.28 -4.24
CA ARG A 9 -3.41 2.96 -5.22
C ARG A 9 -2.80 2.27 -6.44
N VAL A 10 -3.38 1.14 -6.82
CA VAL A 10 -2.90 0.39 -7.98
C VAL A 10 -4.05 0.01 -8.91
N CYS A 11 -3.87 0.27 -10.20
CA CYS A 11 -4.90 -0.05 -11.19
C CYS A 11 -4.71 -1.47 -11.72
N ARG A 12 -5.30 -2.44 -11.04
CA ARG A 12 -5.21 -3.84 -11.44
C ARG A 12 -6.43 -4.62 -10.98
N PRO A 13 -7.51 -4.54 -11.78
CA PRO A 13 -7.53 -3.75 -13.01
C PRO A 13 -7.78 -2.27 -12.75
N ILE A 14 -8.77 -1.98 -11.92
CA ILE A 14 -9.11 -0.60 -11.58
C ILE A 14 -8.29 -0.11 -10.39
N CYS A 15 -7.97 1.18 -10.40
CA CYS A 15 -7.19 1.78 -9.32
C CYS A 15 -7.91 1.64 -7.98
N ARG A 16 -7.56 0.62 -7.23
CA ARG A 16 -8.17 0.37 -5.93
C ARG A 16 -7.22 0.75 -4.80
N ILE A 17 -7.69 0.62 -3.57
CA ILE A 17 -6.88 0.94 -2.39
C ILE A 17 -6.27 -0.32 -1.79
N THR A 18 -5.02 -0.21 -1.36
CA THR A 18 -4.31 -1.33 -0.75
C THR A 18 -3.28 -0.86 0.27
N VAL A 19 -3.16 -1.59 1.37
CA VAL A 19 -2.20 -1.25 2.42
C VAL A 19 -0.89 -2.00 2.23
N ILE A 20 0.22 -1.33 2.53
CA ILE A 20 1.53 -1.94 2.41
C ILE A 20 2.37 -1.72 3.66
N ARG A 21 3.00 -2.78 4.15
CA ARG A 21 3.84 -2.68 5.34
C ARG A 21 5.28 -2.35 4.97
N VAL A 22 6.01 -1.81 5.94
CA VAL A 22 7.40 -1.43 5.72
C VAL A 22 8.20 -1.50 7.01
N CYS A 23 9.52 -1.46 6.89
CA CYS A 23 10.41 -1.51 8.05
C CYS A 23 11.64 -0.65 7.85
N SER A 24 12.03 0.08 8.88
CA SER A 24 13.19 0.97 8.82
C SER A 24 13.99 0.91 10.12
N ILE A 2 12.55 0.32 14.10
CA ILE A 2 11.13 0.63 14.14
C ILE A 2 10.51 0.51 12.74
N CYS A 3 9.38 -0.20 12.67
CA CYS A 3 8.69 -0.38 11.41
C CYS A 3 7.42 0.46 11.35
N ARG A 4 6.85 0.59 10.15
CA ARG A 4 5.64 1.37 9.96
C ARG A 4 4.76 0.76 8.87
N ILE A 5 3.64 1.41 8.60
CA ILE A 5 2.71 0.93 7.58
C ILE A 5 2.24 2.07 6.69
N ILE A 6 2.01 1.77 5.41
CA ILE A 6 1.56 2.77 4.46
C ILE A 6 0.42 2.23 3.59
N VAL A 7 -0.03 3.05 2.66
CA VAL A 7 -1.12 2.65 1.75
C VAL A 7 -0.85 3.13 0.34
N VAL A 8 -1.42 2.41 -0.64
CA VAL A 8 -1.24 2.77 -2.04
C VAL A 8 -2.44 2.32 -2.87
N ARG A 9 -2.34 2.52 -4.18
CA ARG A 9 -3.42 2.13 -5.10
C ARG A 9 -2.85 1.52 -6.38
N VAL A 10 -3.58 0.56 -6.94
CA VAL A 10 -3.16 -0.09 -8.17
C VAL A 10 -4.32 -0.23 -9.15
N CYS A 11 -4.08 0.19 -10.39
CA CYS A 11 -5.12 0.12 -11.43
C CYS A 11 -5.07 -1.23 -12.14
N ARG A 12 -5.72 -2.22 -11.55
CA ARG A 12 -5.76 -3.56 -12.13
C ARG A 12 -7.03 -4.30 -11.72
N PRO A 13 -8.13 -4.03 -12.45
CA PRO A 13 -8.12 -3.10 -13.58
C PRO A 13 -8.25 -1.64 -13.12
N ILE A 14 -9.17 -1.39 -12.21
CA ILE A 14 -9.40 -0.05 -11.70
C ILE A 14 -8.49 0.24 -10.50
N CYS A 15 -8.07 1.49 -10.37
CA CYS A 15 -7.20 1.89 -9.27
C CYS A 15 -7.89 1.68 -7.92
N ARG A 16 -7.61 0.54 -7.30
CA ARG A 16 -8.21 0.22 -6.01
C ARG A 16 -7.28 0.62 -4.87
N ILE A 17 -7.74 0.43 -3.64
CA ILE A 17 -6.95 0.76 -2.45
C ILE A 17 -6.32 -0.47 -1.84
N THR A 18 -5.08 -0.34 -1.38
CA THR A 18 -4.36 -1.44 -0.77
C THR A 18 -3.36 -0.95 0.27
N VAL A 19 -3.18 -1.72 1.34
CA VAL A 19 -2.24 -1.35 2.39
C VAL A 19 -0.95 -2.17 2.28
N ILE A 20 0.16 -1.51 2.58
CA ILE A 20 1.47 -2.16 2.52
C ILE A 20 2.30 -1.86 3.76
N ARG A 21 3.04 -2.86 4.22
CA ARG A 21 3.88 -2.70 5.40
C ARG A 21 5.32 -2.41 5.01
N VAL A 22 6.07 -1.80 5.93
CA VAL A 22 7.47 -1.48 5.69
C VAL A 22 8.27 -1.47 6.97
N CYS A 23 9.59 -1.44 6.84
CA CYS A 23 10.48 -1.44 8.00
C CYS A 23 11.65 -0.48 7.79
N SER A 24 11.96 0.30 8.82
CA SER A 24 13.06 1.25 8.74
C SER A 24 13.85 1.29 10.04
N ILE A 2 12.31 0.22 13.79
CA ILE A 2 10.95 0.75 13.81
C ILE A 2 10.25 0.49 12.48
N CYS A 3 9.12 -0.21 12.53
CA CYS A 3 8.35 -0.52 11.34
C CYS A 3 7.03 0.25 11.32
N ARG A 4 6.55 0.57 10.13
CA ARG A 4 5.29 1.29 9.98
C ARG A 4 4.49 0.76 8.80
N ILE A 5 3.26 1.23 8.67
CA ILE A 5 2.38 0.79 7.58
C ILE A 5 1.92 1.98 6.75
N ILE A 6 1.72 1.74 5.45
CA ILE A 6 1.27 2.78 4.54
C ILE A 6 0.20 2.27 3.58
N VAL A 7 -0.21 3.12 2.66
CA VAL A 7 -1.22 2.75 1.67
C VAL A 7 -0.90 3.32 0.29
N VAL A 8 -1.46 2.70 -0.74
CA VAL A 8 -1.23 3.15 -2.11
C VAL A 8 -2.42 2.83 -3.00
N ARG A 9 -2.29 3.11 -4.29
CA ARG A 9 -3.36 2.86 -5.25
C ARG A 9 -2.81 2.24 -6.53
N VAL A 10 -3.41 1.15 -6.96
CA VAL A 10 -2.98 0.45 -8.17
C VAL A 10 -4.17 0.07 -9.04
N CYS A 11 -4.07 0.36 -10.33
CA CYS A 11 -5.15 0.04 -11.27
C CYS A 11 -4.97 -1.36 -11.84
N ARG A 12 -5.52 -2.35 -11.15
CA ARG A 12 -5.42 -3.74 -11.60
C ARG A 12 -6.62 -4.55 -11.12
N PRO A 13 -7.74 -4.46 -11.86
CA PRO A 13 -7.81 -3.64 -13.07
C PRO A 13 -8.07 -2.17 -12.76
N ILE A 14 -9.02 -1.91 -11.87
CA ILE A 14 -9.36 -0.55 -11.48
C ILE A 14 -8.50 -0.08 -10.33
N CYS A 15 -8.19 1.22 -10.32
CA CYS A 15 -7.36 1.80 -9.27
C CYS A 15 -8.01 1.62 -7.89
N ARG A 16 -7.61 0.56 -7.20
CA ARG A 16 -8.15 0.27 -5.87
C ARG A 16 -7.17 0.65 -4.77
N ILE A 17 -7.58 0.48 -3.53
CA ILE A 17 -6.73 0.81 -2.39
C ILE A 17 -6.06 -0.44 -1.82
N THR A 18 -4.81 -0.29 -1.39
CA THR A 18 -4.06 -1.41 -0.82
C THR A 18 -3.05 -0.92 0.21
N VAL A 19 -2.93 -1.66 1.31
CA VAL A 19 -2.00 -1.30 2.37
C VAL A 19 -0.65 -1.98 2.18
N ILE A 20 0.42 -1.28 2.51
CA ILE A 20 1.76 -1.81 2.37
C ILE A 20 2.59 -1.60 3.63
N ARG A 21 3.14 -2.67 4.17
CA ARG A 21 3.94 -2.59 5.38
C ARG A 21 5.42 -2.35 5.05
N VAL A 22 6.15 -1.77 5.99
CA VAL A 22 7.57 -1.48 5.79
C VAL A 22 8.32 -1.51 7.12
N CYS A 23 9.64 -1.56 7.04
CA CYS A 23 10.49 -1.59 8.23
C CYS A 23 11.69 -0.66 8.07
N SER A 24 11.87 0.23 9.03
CA SER A 24 12.99 1.17 8.99
C SER A 24 14.13 0.70 9.90
N ILE A 2 12.60 0.23 13.97
CA ILE A 2 11.21 0.66 13.96
C ILE A 2 10.59 0.45 12.58
N CYS A 3 9.31 0.07 12.56
CA CYS A 3 8.60 -0.16 11.33
C CYS A 3 7.31 0.66 11.26
N ARG A 4 6.85 0.96 10.06
CA ARG A 4 5.64 1.74 9.86
C ARG A 4 4.76 1.12 8.79
N ILE A 5 3.54 1.64 8.65
CA ILE A 5 2.60 1.13 7.65
C ILE A 5 2.03 2.27 6.82
N ILE A 6 1.75 1.98 5.55
CA ILE A 6 1.19 2.99 4.65
C ILE A 6 0.12 2.38 3.75
N VAL A 7 -0.44 3.20 2.86
CA VAL A 7 -1.46 2.74 1.94
C VAL A 7 -1.24 3.29 0.54
N VAL A 8 -1.72 2.57 -0.47
CA VAL A 8 -1.57 3.00 -1.85
C VAL A 8 -2.71 2.46 -2.72
N ARG A 9 -2.64 2.73 -4.02
CA ARG A 9 -3.64 2.27 -4.96
C ARG A 9 -3.01 1.80 -6.26
N VAL A 10 -3.62 0.78 -6.87
CA VAL A 10 -3.10 0.24 -8.12
C VAL A 10 -4.24 -0.03 -9.10
N CYS A 11 -4.05 0.38 -10.35
CA CYS A 11 -5.06 0.18 -11.38
C CYS A 11 -4.87 -1.17 -12.07
N ARG A 12 -5.44 -2.21 -11.48
CA ARG A 12 -5.33 -3.56 -12.04
C ARG A 12 -6.54 -4.40 -11.65
N PRO A 13 -7.64 -4.25 -12.40
CA PRO A 13 -7.69 -3.33 -13.54
C PRO A 13 -7.96 -1.90 -13.12
N ILE A 14 -8.94 -1.72 -12.24
CA ILE A 14 -9.29 -0.39 -11.74
C ILE A 14 -8.44 0.00 -10.53
N CYS A 15 -8.15 1.28 -10.42
CA CYS A 15 -7.34 1.78 -9.31
C CYS A 15 -8.04 1.52 -7.97
N ARG A 16 -7.67 0.41 -7.32
CA ARG A 16 -8.25 0.04 -6.04
C ARG A 16 -7.36 0.47 -4.88
N ILE A 17 -7.82 0.24 -3.66
CA ILE A 17 -7.07 0.61 -2.48
C ILE A 17 -6.37 -0.61 -1.87
N THR A 18 -5.15 -0.41 -1.39
CA THR A 18 -4.38 -1.50 -0.78
C THR A 18 -3.43 -0.96 0.27
N VAL A 19 -3.19 -1.77 1.31
CA VAL A 19 -2.29 -1.38 2.38
C VAL A 19 -0.91 -2.03 2.21
N ILE A 20 0.13 -1.27 2.52
CA ILE A 20 1.50 -1.78 2.40
C ILE A 20 2.31 -1.44 3.65
N ARG A 21 3.06 -2.43 4.15
CA ARG A 21 3.89 -2.25 5.33
C ARG A 21 5.36 -2.12 4.95
N VAL A 22 6.15 -1.60 5.87
CA VAL A 22 7.58 -1.41 5.64
C VAL A 22 8.37 -1.48 6.94
N CYS A 23 9.66 -1.76 6.83
CA CYS A 23 10.53 -1.84 8.01
C CYS A 23 11.88 -1.20 7.73
N SER A 24 12.35 -0.41 8.70
CA SER A 24 13.64 0.28 8.56
C SER A 24 14.36 0.34 9.91
N ILE A 2 12.31 0.12 14.10
CA ILE A 2 10.91 0.54 14.08
C ILE A 2 10.31 0.38 12.69
N CYS A 3 9.11 -0.19 12.63
CA CYS A 3 8.43 -0.39 11.36
C CYS A 3 7.11 0.38 11.32
N ARG A 4 6.67 0.70 10.11
CA ARG A 4 5.42 1.45 9.93
C ARG A 4 4.59 0.86 8.79
N ILE A 5 3.44 1.47 8.52
CA ILE A 5 2.56 1.00 7.45
C ILE A 5 2.10 2.16 6.58
N ILE A 6 1.83 1.87 5.31
CA ILE A 6 1.38 2.88 4.37
C ILE A 6 0.29 2.33 3.46
N VAL A 7 -0.17 3.16 2.52
CA VAL A 7 -1.21 2.76 1.59
C VAL A 7 -0.93 3.30 0.19
N VAL A 8 -1.49 2.65 -0.82
CA VAL A 8 -1.31 3.07 -2.20
C VAL A 8 -2.52 2.70 -3.06
N ARG A 9 -2.43 2.97 -4.36
CA ARG A 9 -3.51 2.66 -5.28
C ARG A 9 -2.99 1.97 -6.54
N VAL A 10 -3.55 0.81 -6.85
CA VAL A 10 -3.13 0.05 -8.02
C VAL A 10 -4.30 -0.17 -8.97
N CYS A 11 -4.12 0.23 -10.22
CA CYS A 11 -5.16 0.09 -11.23
C CYS A 11 -5.04 -1.27 -11.93
N ARG A 12 -5.65 -2.29 -11.34
CA ARG A 12 -5.61 -3.63 -11.90
C ARG A 12 -6.85 -4.44 -11.48
N PRO A 13 -7.95 -4.24 -12.23
CA PRO A 13 -7.99 -3.31 -13.36
C PRO A 13 -8.18 -1.86 -12.93
N ILE A 14 -9.13 -1.65 -12.02
CA ILE A 14 -9.41 -0.31 -11.52
C ILE A 14 -8.52 0.04 -10.32
N CYS A 15 -8.17 1.31 -10.21
CA CYS A 15 -7.32 1.78 -9.12
C CYS A 15 -7.99 1.52 -7.77
N ARG A 16 -7.66 0.39 -7.15
CA ARG A 16 -8.22 0.03 -5.86
C ARG A 16 -7.30 0.45 -4.73
N ILE A 17 -7.74 0.23 -3.49
CA ILE A 17 -6.95 0.58 -2.32
C ILE A 17 -6.20 -0.63 -1.77
N THR A 18 -4.97 -0.42 -1.35
CA THR A 18 -4.15 -1.50 -0.81
C THR A 18 -3.14 -0.96 0.21
N VAL A 19 -2.92 -1.73 1.28
CA VAL A 19 -1.98 -1.34 2.32
C VAL A 19 -0.62 -1.98 2.11
N ILE A 20 0.43 -1.23 2.42
CA ILE A 20 1.80 -1.73 2.26
C ILE A 20 2.63 -1.48 3.52
N ARG A 21 3.20 -2.54 4.06
CA ARG A 21 4.02 -2.43 5.26
C ARG A 21 5.48 -2.17 4.90
N VAL A 22 6.22 -1.62 5.85
CA VAL A 22 7.64 -1.32 5.64
C VAL A 22 8.42 -1.39 6.94
N CYS A 23 9.74 -1.48 6.83
CA CYS A 23 10.60 -1.55 8.00
C CYS A 23 11.87 -0.73 7.80
N SER A 24 12.25 0.03 8.82
CA SER A 24 13.44 0.87 8.76
C SER A 24 14.08 1.01 10.13
N ILE A 2 12.36 0.53 14.22
CA ILE A 2 10.91 0.70 14.20
C ILE A 2 10.34 0.47 12.80
N CYS A 3 9.13 -0.07 12.74
CA CYS A 3 8.48 -0.34 11.47
C CYS A 3 7.16 0.41 11.36
N ARG A 4 6.66 0.57 10.14
CA ARG A 4 5.40 1.27 9.91
C ARG A 4 4.70 0.72 8.66
N ILE A 5 3.47 1.17 8.44
CA ILE A 5 2.69 0.73 7.30
C ILE A 5 2.36 1.89 6.37
N ILE A 6 1.86 1.58 5.18
CA ILE A 6 1.49 2.60 4.21
C ILE A 6 0.36 2.12 3.31
N VAL A 7 -0.07 3.00 2.40
CA VAL A 7 -1.14 2.67 1.48
C VAL A 7 -0.88 3.25 0.09
N VAL A 8 -1.46 2.63 -0.93
CA VAL A 8 -1.28 3.10 -2.30
C VAL A 8 -2.50 2.76 -3.16
N ARG A 9 -2.42 3.07 -4.45
CA ARG A 9 -3.52 2.80 -5.37
C ARG A 9 -3.00 2.10 -6.63
N VAL A 10 -3.57 0.95 -6.93
CA VAL A 10 -3.16 0.19 -8.11
C VAL A 10 -4.35 -0.05 -9.04
N CYS A 11 -4.19 0.34 -10.30
CA CYS A 11 -5.26 0.17 -11.30
C CYS A 11 -5.14 -1.18 -11.98
N ARG A 12 -5.73 -2.20 -11.36
CA ARG A 12 -5.71 -3.55 -11.91
C ARG A 12 -6.93 -4.34 -11.48
N PRO A 13 -8.05 -4.16 -12.20
CA PRO A 13 -8.10 -3.24 -13.34
C PRO A 13 -8.30 -1.79 -12.92
N ILE A 14 -9.23 -1.57 -12.00
CA ILE A 14 -9.51 -0.23 -11.50
C ILE A 14 -8.61 0.13 -10.33
N CYS A 15 -8.25 1.40 -10.23
CA CYS A 15 -7.39 1.88 -9.16
C CYS A 15 -8.03 1.64 -7.79
N ARG A 16 -7.69 0.51 -7.18
CA ARG A 16 -8.25 0.16 -5.87
C ARG A 16 -7.28 0.55 -4.75
N ILE A 17 -7.70 0.34 -3.51
CA ILE A 17 -6.87 0.67 -2.36
C ILE A 17 -6.15 -0.56 -1.82
N THR A 18 -4.91 -0.38 -1.40
CA THR A 18 -4.11 -1.48 -0.86
C THR A 18 -3.11 -0.97 0.16
N VAL A 19 -2.91 -1.76 1.22
CA VAL A 19 -1.97 -1.39 2.27
C VAL A 19 -0.67 -2.18 2.15
N ILE A 20 0.45 -1.52 2.44
CA ILE A 20 1.75 -2.16 2.37
C ILE A 20 2.58 -1.87 3.62
N ARG A 21 3.15 -2.93 4.19
CA ARG A 21 3.97 -2.79 5.40
C ARG A 21 5.43 -2.54 5.04
N VAL A 22 6.18 -1.94 5.96
CA VAL A 22 7.58 -1.65 5.73
C VAL A 22 8.36 -1.65 7.05
N CYS A 23 9.68 -1.66 6.94
CA CYS A 23 10.54 -1.65 8.12
C CYS A 23 11.78 -0.78 7.90
N SER A 24 12.15 -0.01 8.91
CA SER A 24 13.31 0.87 8.82
C SER A 24 14.09 0.86 10.14
N ILE A 2 12.36 0.11 14.12
CA ILE A 2 10.91 0.25 14.17
C ILE A 2 10.29 0.18 12.78
N CYS A 3 9.19 -0.53 12.65
CA CYS A 3 8.50 -0.68 11.38
C CYS A 3 7.18 0.09 11.37
N ARG A 4 6.60 0.25 10.19
CA ARG A 4 5.33 0.96 10.06
C ARG A 4 4.53 0.42 8.88
N ILE A 5 3.41 1.09 8.57
CA ILE A 5 2.57 0.67 7.47
C ILE A 5 2.15 1.87 6.61
N ILE A 6 1.89 1.62 5.34
CA ILE A 6 1.49 2.68 4.42
C ILE A 6 0.39 2.19 3.48
N VAL A 7 -0.05 3.09 2.58
CA VAL A 7 -1.10 2.75 1.63
C VAL A 7 -0.80 3.35 0.25
N VAL A 8 -1.37 2.75 -0.79
CA VAL A 8 -1.16 3.22 -2.15
C VAL A 8 -2.38 2.93 -3.02
N ARG A 9 -2.25 3.21 -4.32
CA ARG A 9 -3.34 2.97 -5.26
C ARG A 9 -2.81 2.36 -6.56
N VAL A 10 -3.46 1.30 -7.02
CA VAL A 10 -3.06 0.63 -8.25
C VAL A 10 -4.28 0.18 -9.06
N CYS A 11 -4.17 0.27 -10.38
CA CYS A 11 -5.27 -0.13 -11.26
C CYS A 11 -5.07 -1.57 -11.72
N ARG A 12 -5.71 -2.50 -11.03
CA ARG A 12 -5.62 -3.92 -11.37
C ARG A 12 -6.89 -4.66 -10.96
N PRO A 13 -7.93 -4.57 -11.80
CA PRO A 13 -7.88 -3.81 -13.04
C PRO A 13 -8.10 -2.31 -12.81
N ILE A 14 -9.12 -1.99 -12.02
CA ILE A 14 -9.45 -0.60 -11.73
C ILE A 14 -8.66 -0.10 -10.51
N CYS A 15 -8.27 1.17 -10.54
CA CYS A 15 -7.52 1.77 -9.45
C CYS A 15 -8.23 1.58 -8.13
N ARG A 16 -7.61 0.83 -7.22
CA ARG A 16 -8.18 0.56 -5.91
C ARG A 16 -7.20 0.90 -4.79
N ILE A 17 -7.64 0.75 -3.55
CA ILE A 17 -6.79 1.04 -2.40
C ILE A 17 -6.15 -0.24 -1.85
N THR A 18 -4.90 -0.13 -1.42
CA THR A 18 -4.18 -1.26 -0.87
C THR A 18 -3.15 -0.82 0.16
N VAL A 19 -3.02 -1.60 1.22
CA VAL A 19 -2.06 -1.29 2.28
C VAL A 19 -0.76 -2.07 2.10
N ILE A 20 0.36 -1.43 2.42
CA ILE A 20 1.66 -2.07 2.31
C ILE A 20 2.49 -1.88 3.57
N ARG A 21 3.25 -2.91 3.93
CA ARG A 21 4.09 -2.86 5.13
C ARG A 21 5.46 -2.31 4.80
N VAL A 22 6.14 -1.77 5.80
CA VAL A 22 7.47 -1.20 5.62
C VAL A 22 8.29 -1.29 6.91
N CYS A 23 9.60 -1.21 6.76
CA CYS A 23 10.50 -1.27 7.91
C CYS A 23 11.66 -0.29 7.77
N SER A 24 11.94 0.44 8.84
CA SER A 24 13.02 1.42 8.83
C SER A 24 13.74 1.45 10.18
N ILE A 2 12.45 0.39 13.70
CA ILE A 2 11.09 0.93 13.72
C ILE A 2 10.36 0.63 12.41
N CYS A 3 9.22 -0.04 12.51
CA CYS A 3 8.43 -0.38 11.33
C CYS A 3 7.12 0.41 11.31
N ARG A 4 6.56 0.57 10.12
CA ARG A 4 5.30 1.30 9.96
C ARG A 4 4.48 0.74 8.82
N ILE A 5 3.29 1.28 8.63
CA ILE A 5 2.40 0.83 7.56
C ILE A 5 1.92 2.00 6.71
N ILE A 6 1.75 1.76 5.41
CA ILE A 6 1.31 2.79 4.49
C ILE A 6 0.23 2.25 3.55
N VAL A 7 -0.23 3.11 2.63
CA VAL A 7 -1.26 2.71 1.67
C VAL A 7 -0.95 3.30 0.30
N VAL A 8 -1.49 2.66 -0.74
CA VAL A 8 -1.28 3.11 -2.11
C VAL A 8 -2.47 2.74 -3.00
N ARG A 9 -2.36 3.04 -4.29
CA ARG A 9 -3.43 2.75 -5.23
C ARG A 9 -2.87 2.06 -6.47
N VAL A 10 -3.43 0.90 -6.81
CA VAL A 10 -3.00 0.15 -7.98
C VAL A 10 -4.14 -0.10 -8.94
N CYS A 11 -3.95 0.27 -10.19
CA CYS A 11 -4.97 0.10 -11.22
C CYS A 11 -4.85 -1.27 -11.88
N ARG A 12 -5.47 -2.28 -11.27
CA ARG A 12 -5.42 -3.63 -11.80
C ARG A 12 -6.67 -4.42 -11.38
N PRO A 13 -7.76 -4.24 -12.15
CA PRO A 13 -7.77 -3.34 -13.31
C PRO A 13 -7.98 -1.88 -12.92
N ILE A 14 -8.93 -1.64 -12.02
CA ILE A 14 -9.23 -0.29 -11.55
C ILE A 14 -8.36 0.08 -10.36
N CYS A 15 -8.01 1.35 -10.27
CA CYS A 15 -7.17 1.84 -9.17
C CYS A 15 -7.87 1.64 -7.84
N ARG A 16 -7.57 0.51 -7.19
CA ARG A 16 -8.17 0.20 -5.89
C ARG A 16 -7.24 0.59 -4.76
N ILE A 17 -7.70 0.39 -3.52
CA ILE A 17 -6.91 0.73 -2.35
C ILE A 17 -6.25 -0.51 -1.75
N THR A 18 -5.00 -0.37 -1.31
CA THR A 18 -4.27 -1.47 -0.72
C THR A 18 -3.24 -0.97 0.29
N VAL A 19 -3.11 -1.71 1.39
CA VAL A 19 -2.16 -1.34 2.44
C VAL A 19 -0.84 -2.09 2.29
N ILE A 20 0.26 -1.43 2.59
CA ILE A 20 1.57 -2.04 2.50
C ILE A 20 2.40 -1.80 3.76
N ARG A 21 3.06 -2.84 4.23
CA ARG A 21 3.88 -2.74 5.44
C ARG A 21 5.35 -2.49 5.07
N VAL A 22 6.09 -1.91 6.01
CA VAL A 22 7.50 -1.62 5.80
C VAL A 22 8.27 -1.63 7.11
N CYS A 23 9.59 -1.59 7.01
CA CYS A 23 10.45 -1.60 8.19
C CYS A 23 11.67 -0.70 7.99
N SER A 24 11.95 0.13 8.98
CA SER A 24 13.09 1.04 8.92
C SER A 24 14.27 0.50 9.70
#